data_4MLC
#
_entry.id   4MLC
#
_cell.length_a   79.195
_cell.length_b   81.796
_cell.length_c   128.739
_cell.angle_alpha   90.00
_cell.angle_beta   90.00
_cell.angle_gamma   90.00
#
_symmetry.space_group_name_H-M   'I 2 2 2'
#
loop_
_entity.id
_entity.type
_entity.pdbx_description
1 polymer 'Extracellular ligand-binding receptor'
2 non-polymer 'CALCIUM ION'
3 non-polymer 'SULFATE ION'
4 water water
#
_entity_poly.entity_id   1
_entity_poly.type   'polypeptide(L)'
_entity_poly.pdbx_seq_one_letter_code
;SNAQVNPSEEIFIGVAWPFASLDDLFAEGLELAVQEINEQGGVQGRKLSLVKADDEAELEKGLAIAQAFADNAGIQAVIG
HRNSFISIPAASIYDQAGLV(MSE)LSPASTSPDLTDHGYIHVFRNIPSDQEIARQLAIYLAEQGHER(MSE)VIYYTDD
SYGNGLANAFEDYARAQGITIVDRFNYYGNLKDLERLYDKWQAFG(MSE)DGIFIAKTATGGGTEFLVDAKSVGIEVPLI
AGNSWDALSLTEDIENIG(MSE)TAEGLLVGSFFNPQRPDSRTQDFVEAFRREYGQPPTSYAAAGYDAVILLAEALEKSD
LTHPATLAQGLRDLGPWEGV(MSE)G(MSE)HRFDGRGDDIGDLVVLKK(MSE)KDGRFEYLGH
;
_entity_poly.pdbx_strand_id   A
#
# COMPACT_ATOMS: atom_id res chain seq x y z
N GLU A 9 -17.08 11.18 27.20
CA GLU A 9 -16.86 9.77 26.91
C GLU A 9 -16.01 9.52 25.65
N GLU A 10 -15.93 8.26 25.24
CA GLU A 10 -14.94 7.84 24.26
C GLU A 10 -15.55 7.03 23.12
N ILE A 11 -14.90 7.10 21.96
CA ILE A 11 -15.16 6.13 20.90
C ILE A 11 -13.86 5.46 20.57
N PHE A 12 -13.93 4.17 20.33
CA PHE A 12 -12.73 3.41 20.08
C PHE A 12 -12.72 2.89 18.69
N ILE A 13 -11.51 2.87 18.13
CA ILE A 13 -11.22 2.27 16.84
C ILE A 13 -10.08 1.32 17.15
N GLY A 14 -10.11 0.11 16.57
CA GLY A 14 -9.06 -0.86 16.79
C GLY A 14 -7.97 -0.73 15.76
N VAL A 15 -6.74 -1.02 16.12
CA VAL A 15 -5.66 -1.07 15.15
C VAL A 15 -4.95 -2.39 15.27
N ALA A 16 -4.77 -3.05 14.14
CA ALA A 16 -4.14 -4.36 14.10
C ALA A 16 -2.89 -4.27 13.25
N TRP A 17 -1.73 -4.46 13.85
CA TRP A 17 -0.48 -4.17 13.16
C TRP A 17 0.66 -4.88 13.88
N PRO A 18 1.75 -5.22 13.17
CA PRO A 18 2.93 -5.79 13.84
C PRO A 18 3.75 -4.67 14.46
N PHE A 19 3.23 -4.07 15.55
CA PHE A 19 3.85 -2.90 16.17
C PHE A 19 5.26 -3.14 16.67
N ALA A 20 5.42 -4.19 17.48
CA ALA A 20 6.67 -4.48 18.16
C ALA A 20 7.77 -4.76 17.15
N SER A 21 7.49 -5.67 16.22
CA SER A 21 8.48 -6.09 15.25
C SER A 21 8.75 -5.15 14.09
N LEU A 22 8.23 -3.92 14.11
CA LEU A 22 8.38 -2.99 12.97
C LEU A 22 8.68 -1.57 13.35
N ASP A 23 9.57 -0.96 12.57
CA ASP A 23 9.92 0.43 12.78
C ASP A 23 9.66 1.22 11.50
N ASP A 24 8.38 1.26 11.12
CA ASP A 24 7.92 1.80 9.85
C ASP A 24 7.34 3.22 9.96
N LEU A 25 7.27 3.73 11.18
CA LEU A 25 6.68 5.04 11.51
C LEU A 25 5.16 5.10 11.44
N PHE A 26 4.54 3.96 11.21
CA PHE A 26 3.10 3.86 11.10
C PHE A 26 2.41 4.29 12.41
N ALA A 27 2.97 3.90 13.55
CA ALA A 27 2.32 4.19 14.81
C ALA A 27 2.40 5.68 15.07
N GLU A 28 3.42 6.31 14.50
CA GLU A 28 3.67 7.73 14.71
C GLU A 28 2.70 8.58 13.90
N GLY A 29 2.33 8.10 12.72
CA GLY A 29 1.28 8.73 11.95
C GLY A 29 -0.05 8.64 12.69
N LEU A 30 -0.37 7.44 13.17
CA LEU A 30 -1.56 7.25 14.01
C LEU A 30 -1.62 8.21 15.18
N GLU A 31 -0.55 8.26 15.95
CA GLU A 31 -0.48 9.06 17.16
C GLU A 31 -0.69 10.54 16.83
N LEU A 32 0.04 11.00 15.81
CA LEU A 32 -0.09 12.35 15.35
C LEU A 32 -1.55 12.71 15.03
N ALA A 33 -2.27 11.80 14.36
CA ALA A 33 -3.66 12.04 13.91
C ALA A 33 -4.70 12.09 15.03
N VAL A 34 -4.71 11.05 15.85
CA VAL A 34 -5.50 11.02 17.06
C VAL A 34 -5.36 12.31 17.85
N GLN A 35 -4.11 12.71 18.07
CA GLN A 35 -3.80 13.96 18.75
C GLN A 35 -4.59 15.11 18.13
N GLU A 36 -4.38 15.34 16.84
CA GLU A 36 -5.05 16.43 16.11
C GLU A 36 -6.59 16.37 16.20
N ILE A 37 -7.16 15.18 16.11
CA ILE A 37 -8.62 15.04 16.23
C ILE A 37 -9.13 15.46 17.62
N ASN A 38 -8.49 14.97 18.67
CA ASN A 38 -8.90 15.31 20.02
C ASN A 38 -8.73 16.79 20.36
N GLU A 39 -7.68 17.41 19.84
CA GLU A 39 -7.45 18.81 20.15
C GLU A 39 -8.34 19.76 19.34
N GLN A 40 -9.35 19.21 18.66
CA GLN A 40 -10.38 20.01 17.99
C GLN A 40 -11.78 19.55 18.39
N GLY A 41 -11.94 19.13 19.63
CA GLY A 41 -13.25 18.69 20.10
C GLY A 41 -13.52 17.22 19.82
N GLY A 42 -12.54 16.53 19.27
CA GLY A 42 -12.66 15.11 19.02
C GLY A 42 -13.70 14.79 17.96
N VAL A 43 -14.49 13.76 18.22
CA VAL A 43 -15.51 13.30 17.29
C VAL A 43 -16.87 13.22 17.99
N GLN A 44 -17.82 14.03 17.55
CA GLN A 44 -19.14 14.11 18.19
C GLN A 44 -19.03 14.40 19.70
N GLY A 45 -18.04 15.22 20.08
CA GLY A 45 -17.84 15.59 21.46
C GLY A 45 -17.01 14.56 22.22
N ARG A 46 -17.12 13.32 21.77
CA ARG A 46 -16.38 12.21 22.35
C ARG A 46 -14.89 12.24 22.01
N LYS A 47 -14.04 11.78 22.93
CA LYS A 47 -12.61 11.67 22.66
C LYS A 47 -12.29 10.38 21.92
N LEU A 48 -11.36 10.48 21.00
CA LEU A 48 -10.98 9.33 20.17
C LEU A 48 -9.80 8.56 20.79
N SER A 49 -9.99 7.25 20.88
CA SER A 49 -8.97 6.38 21.47
C SER A 49 -8.75 5.14 20.62
N LEU A 50 -7.48 4.76 20.49
CA LEU A 50 -7.10 3.56 19.77
C LEU A 50 -6.97 2.36 20.71
N VAL A 51 -7.46 1.21 20.27
CA VAL A 51 -7.19 -0.05 20.97
C VAL A 51 -6.22 -0.83 20.08
N LYS A 52 -4.94 -0.85 20.47
CA LYS A 52 -3.90 -1.47 19.65
C LYS A 52 -3.75 -2.94 19.97
N ALA A 53 -3.65 -3.73 18.91
CA ALA A 53 -3.46 -5.17 19.03
C ALA A 53 -2.29 -5.55 18.12
N ASP A 54 -1.33 -6.32 18.63
CA ASP A 54 -0.17 -6.68 17.81
C ASP A 54 -0.34 -8.05 17.17
N ASP A 55 -0.33 -8.14 15.84
CA ASP A 55 -0.59 -9.43 15.20
C ASP A 55 0.67 -10.21 14.90
N GLU A 56 1.82 -9.61 15.19
CA GLU A 56 3.13 -10.25 14.98
C GLU A 56 3.35 -10.81 13.56
N ALA A 57 2.54 -10.35 12.61
CA ALA A 57 2.58 -10.83 11.24
C ALA A 57 2.43 -12.35 11.20
N GLU A 58 1.51 -12.85 12.03
CA GLU A 58 1.22 -14.28 12.08
C GLU A 58 -0.27 -14.47 11.91
N LEU A 59 -0.63 -15.38 11.01
CA LEU A 59 -2.01 -15.63 10.65
C LEU A 59 -2.88 -16.08 11.84
N GLU A 60 -2.37 -16.98 12.68
CA GLU A 60 -3.10 -17.45 13.86
C GLU A 60 -3.42 -16.25 14.75
N LYS A 61 -2.42 -15.43 15.06
CA LYS A 61 -2.65 -14.31 15.96
C LYS A 61 -3.54 -13.24 15.30
N GLY A 62 -3.34 -13.04 14.00
CA GLY A 62 -4.14 -12.12 13.22
C GLY A 62 -5.62 -12.42 13.31
N LEU A 63 -5.98 -13.69 13.08
CA LEU A 63 -7.36 -14.14 13.13
C LEU A 63 -8.00 -14.04 14.52
N ALA A 64 -7.22 -14.32 15.56
CA ALA A 64 -7.70 -14.23 16.93
C ALA A 64 -8.04 -12.77 17.25
N ILE A 65 -7.17 -11.87 16.81
CA ILE A 65 -7.39 -10.44 17.03
C ILE A 65 -8.64 -9.96 16.31
N ALA A 66 -8.77 -10.34 15.04
CA ALA A 66 -9.93 -9.98 14.24
C ALA A 66 -11.19 -10.44 14.99
N GLN A 67 -11.22 -11.71 15.37
CA GLN A 67 -12.29 -12.23 16.19
C GLN A 67 -12.58 -11.41 17.43
N ALA A 68 -11.53 -11.08 18.18
CA ALA A 68 -11.72 -10.35 19.43
C ALA A 68 -12.33 -8.95 19.19
N PHE A 69 -11.92 -8.29 18.10
CA PHE A 69 -12.50 -6.99 17.78
C PHE A 69 -13.96 -7.13 17.39
N ALA A 70 -14.28 -8.24 16.72
CA ALA A 70 -15.61 -8.43 16.14
C ALA A 70 -16.68 -8.49 17.20
N ASP A 71 -16.42 -9.24 18.28
CA ASP A 71 -17.40 -9.36 19.36
C ASP A 71 -17.18 -8.41 20.57
N ASN A 72 -16.50 -7.30 20.32
CA ASN A 72 -16.33 -6.19 21.27
C ASN A 72 -17.18 -4.99 20.84
N ALA A 73 -18.29 -4.77 21.54
CA ALA A 73 -19.26 -3.73 21.17
C ALA A 73 -18.73 -2.30 21.03
N GLY A 74 -17.70 -1.96 21.80
CA GLY A 74 -17.17 -0.60 21.80
C GLY A 74 -16.42 -0.16 20.55
N ILE A 75 -16.08 -1.11 19.66
CA ILE A 75 -15.26 -0.84 18.48
C ILE A 75 -16.08 -0.31 17.31
N GLN A 76 -15.75 0.88 16.83
CA GLN A 76 -16.47 1.45 15.69
C GLN A 76 -15.97 0.92 14.37
N ALA A 77 -14.66 0.73 14.28
CA ALA A 77 -14.00 0.30 13.06
C ALA A 77 -12.62 -0.18 13.41
N VAL A 78 -11.99 -0.88 12.47
CA VAL A 78 -10.68 -1.42 12.70
C VAL A 78 -9.75 -0.94 11.61
N ILE A 79 -8.54 -0.53 11.97
CA ILE A 79 -7.54 -0.22 10.97
C ILE A 79 -6.51 -1.34 10.95
N GLY A 80 -6.27 -1.91 9.77
CA GLY A 80 -5.31 -3.00 9.62
C GLY A 80 -5.79 -3.96 8.54
N HIS A 81 -5.12 -5.10 8.33
CA HIS A 81 -3.84 -5.40 8.97
C HIS A 81 -2.76 -4.96 8.00
N ARG A 82 -1.51 -5.25 8.31
CA ARG A 82 -0.46 -4.83 7.38
C ARG A 82 -0.27 -5.78 6.21
N ASN A 83 -0.35 -7.08 6.49
CA ASN A 83 -0.05 -8.05 5.46
C ASN A 83 -1.30 -8.57 4.77
N SER A 84 -1.24 -8.64 3.44
CA SER A 84 -2.38 -9.13 2.67
C SER A 84 -2.81 -10.55 3.09
N PHE A 85 -1.83 -11.42 3.33
CA PHE A 85 -2.15 -12.79 3.73
C PHE A 85 -2.90 -12.87 5.06
N ILE A 86 -2.83 -11.81 5.87
CA ILE A 86 -3.69 -11.71 7.05
C ILE A 86 -5.00 -10.96 6.76
N SER A 87 -4.90 -9.79 6.14
CA SER A 87 -6.07 -9.00 5.76
C SER A 87 -7.16 -9.73 4.97
N ILE A 88 -6.80 -10.53 3.97
CA ILE A 88 -7.81 -11.24 3.19
C ILE A 88 -8.65 -12.17 4.07
N PRO A 89 -8.03 -13.11 4.79
CA PRO A 89 -8.85 -13.90 5.71
C PRO A 89 -9.50 -13.14 6.87
N ALA A 90 -8.86 -12.09 7.37
CA ALA A 90 -9.43 -11.29 8.47
C ALA A 90 -10.67 -10.49 8.03
N ALA A 91 -10.64 -10.01 6.79
CA ALA A 91 -11.77 -9.31 6.17
C ALA A 91 -13.05 -10.14 6.22
N SER A 92 -12.89 -11.45 6.03
CA SER A 92 -14.01 -12.37 6.15
C SER A 92 -14.72 -12.18 7.47
N ILE A 93 -13.93 -12.05 8.53
CA ILE A 93 -14.45 -11.92 9.89
C ILE A 93 -15.10 -10.56 10.14
N TYR A 94 -14.46 -9.48 9.73
CA TYR A 94 -15.05 -8.17 9.94
C TYR A 94 -16.32 -8.02 9.09
N ASP A 95 -16.28 -8.48 7.86
CA ASP A 95 -17.47 -8.38 7.04
C ASP A 95 -18.66 -9.13 7.65
N GLN A 96 -18.42 -10.32 8.21
CA GLN A 96 -19.50 -11.09 8.83
C GLN A 96 -20.03 -10.43 10.10
N ALA A 97 -19.22 -9.61 10.74
CA ALA A 97 -19.61 -8.94 11.98
C ALA A 97 -20.23 -7.55 11.76
N GLY A 98 -20.19 -7.07 10.52
CA GLY A 98 -20.67 -5.73 10.21
C GLY A 98 -19.68 -4.66 10.61
N LEU A 99 -18.42 -5.05 10.81
CA LEU A 99 -17.42 -4.10 11.26
C LEU A 99 -16.54 -3.62 10.11
N VAL A 100 -16.37 -2.31 9.99
CA VAL A 100 -15.55 -1.73 8.94
C VAL A 100 -14.07 -1.99 9.19
N LEU A 102 -10.45 -0.99 7.59
CA LEU A 102 -9.82 -0.04 6.68
C LEU A 102 -8.33 -0.36 6.67
N SER A 103 -7.82 -0.87 5.57
CA SER A 103 -6.44 -1.29 5.52
C SER A 103 -5.53 -0.31 4.82
N PRO A 104 -4.46 0.08 5.49
CA PRO A 104 -3.52 1.01 4.91
C PRO A 104 -2.29 0.38 4.31
N ALA A 105 -2.16 -0.93 4.35
CA ALA A 105 -0.96 -1.54 3.81
C ALA A 105 -1.13 -2.68 2.82
N SER A 106 -2.32 -3.22 2.70
CA SER A 106 -2.49 -4.44 1.93
C SER A 106 -2.88 -4.14 0.51
N THR A 107 -2.00 -4.52 -0.39
CA THR A 107 -2.11 -4.12 -1.77
C THR A 107 -2.75 -5.16 -2.68
N SER A 108 -2.98 -6.37 -2.18
CA SER A 108 -3.50 -7.45 -3.03
C SER A 108 -4.88 -7.13 -3.66
N PRO A 109 -4.96 -7.31 -4.99
CA PRO A 109 -6.25 -7.17 -5.69
C PRO A 109 -7.32 -8.04 -5.05
N ASP A 110 -6.94 -9.23 -4.59
CA ASP A 110 -7.91 -10.19 -4.07
C ASP A 110 -8.70 -9.68 -2.85
N LEU A 111 -8.14 -8.75 -2.08
CA LEU A 111 -8.84 -8.21 -0.90
C LEU A 111 -10.26 -7.67 -1.17
N THR A 112 -10.46 -7.00 -2.30
CA THR A 112 -11.75 -6.45 -2.62
C THR A 112 -12.43 -7.24 -3.76
N ASP A 113 -12.09 -8.52 -3.90
CA ASP A 113 -12.70 -9.32 -4.96
C ASP A 113 -13.67 -10.43 -4.45
N HIS A 114 -14.33 -10.18 -3.33
CA HIS A 114 -15.15 -11.20 -2.71
C HIS A 114 -16.53 -10.72 -2.27
N GLY A 115 -16.90 -9.50 -2.65
CA GLY A 115 -18.21 -8.98 -2.36
C GLY A 115 -18.41 -8.57 -0.93
N TYR A 116 -17.33 -8.43 -0.18
CA TYR A 116 -17.42 -7.92 1.19
C TYR A 116 -17.86 -6.45 1.09
N ILE A 117 -18.59 -5.98 2.09
CA ILE A 117 -19.27 -4.70 1.94
C ILE A 117 -18.70 -3.69 2.92
N HIS A 118 -17.97 -4.20 3.89
CA HIS A 118 -17.41 -3.39 4.96
C HIS A 118 -15.89 -3.37 4.92
N VAL A 119 -15.30 -3.73 3.80
CA VAL A 119 -13.85 -3.86 3.73
C VAL A 119 -13.28 -2.79 2.80
N PHE A 120 -12.29 -2.06 3.29
CA PHE A 120 -11.79 -0.88 2.61
C PHE A 120 -10.29 -0.81 2.60
N ARG A 121 -9.77 0.00 1.70
CA ARG A 121 -8.34 0.15 1.58
C ARG A 121 -8.12 1.65 1.33
N ASN A 122 -7.19 2.31 2.03
CA ASN A 122 -6.99 3.72 1.68
C ASN A 122 -5.72 4.00 0.88
N ILE A 123 -5.21 2.98 0.21
CA ILE A 123 -4.07 3.11 -0.66
C ILE A 123 -4.39 2.37 -1.94
N PRO A 124 -3.72 2.74 -3.05
CA PRO A 124 -3.87 2.01 -4.33
C PRO A 124 -3.48 0.53 -4.24
N SER A 125 -4.22 -0.33 -4.92
CA SER A 125 -3.86 -1.75 -4.95
C SER A 125 -2.64 -1.99 -5.84
N ASP A 126 -2.02 -3.15 -5.69
CA ASP A 126 -0.99 -3.65 -6.61
C ASP A 126 -1.41 -3.44 -8.07
N GLN A 127 -2.70 -3.62 -8.33
CA GLN A 127 -3.26 -3.46 -9.65
C GLN A 127 -3.26 -2.01 -10.16
N GLU A 128 -3.71 -1.07 -9.33
CA GLU A 128 -3.68 0.34 -9.72
C GLU A 128 -2.25 0.88 -9.93
N ILE A 129 -1.33 0.47 -9.07
CA ILE A 129 0.08 0.82 -9.23
C ILE A 129 0.60 0.26 -10.56
N ALA A 130 0.38 -1.04 -10.81
CA ALA A 130 0.81 -1.68 -12.05
C ALA A 130 0.31 -0.91 -13.27
N ARG A 131 -0.97 -0.54 -13.25
CA ARG A 131 -1.55 0.22 -14.35
C ARG A 131 -0.86 1.55 -14.60
N GLN A 132 -0.62 2.31 -13.53
CA GLN A 132 0.08 3.58 -13.67
C GLN A 132 1.50 3.41 -14.18
N LEU A 133 2.17 2.33 -13.77
CA LEU A 133 3.50 2.03 -14.26
C LEU A 133 3.51 1.73 -15.75
N ALA A 134 2.57 0.90 -16.18
CA ALA A 134 2.43 0.57 -17.59
C ALA A 134 2.24 1.83 -18.43
N ILE A 135 1.31 2.68 -18.01
CA ILE A 135 1.05 3.93 -18.71
C ILE A 135 2.35 4.76 -18.78
N TYR A 136 3.01 4.95 -17.64
CA TYR A 136 4.26 5.70 -17.62
C TYR A 136 5.32 5.14 -18.56
N LEU A 137 5.62 3.85 -18.46
CA LEU A 137 6.66 3.27 -19.28
C LEU A 137 6.35 3.42 -20.77
N ALA A 138 5.08 3.28 -21.14
CA ALA A 138 4.66 3.35 -22.53
C ALA A 138 4.78 4.77 -23.03
N GLU A 139 4.33 5.71 -22.20
CA GLU A 139 4.54 7.12 -22.49
C GLU A 139 6.01 7.49 -22.68
N GLN A 140 6.91 6.80 -22.00
CA GLN A 140 8.35 7.02 -22.17
C GLN A 140 8.89 6.38 -23.45
N GLY A 141 8.07 5.58 -24.11
CA GLY A 141 8.52 4.90 -25.30
C GLY A 141 9.05 3.49 -25.08
N HIS A 142 8.83 2.92 -23.90
CA HIS A 142 9.19 1.51 -23.71
C HIS A 142 8.33 0.60 -24.58
N GLU A 143 8.97 -0.29 -25.33
CA GLU A 143 8.23 -1.15 -26.25
C GLU A 143 8.31 -2.68 -25.96
N ARG A 144 9.44 -3.15 -25.43
N ARG A 144 9.44 -3.16 -25.46
CA ARG A 144 9.65 -4.58 -25.23
CA ARG A 144 9.65 -4.60 -25.25
C ARG A 144 10.29 -4.85 -23.87
C ARG A 144 10.30 -4.88 -23.90
N VAL A 146 10.76 -7.36 -20.00
CA VAL A 146 10.86 -8.64 -19.33
C VAL A 146 10.38 -8.57 -17.87
N ILE A 147 9.68 -9.59 -17.43
CA ILE A 147 9.19 -9.59 -16.06
C ILE A 147 9.91 -10.61 -15.20
N TYR A 148 10.38 -10.19 -14.04
CA TYR A 148 10.92 -11.11 -13.05
C TYR A 148 9.91 -11.27 -11.89
N TYR A 149 9.29 -12.44 -11.78
CA TYR A 149 8.24 -12.64 -10.76
C TYR A 149 8.54 -13.75 -9.72
N THR A 150 7.80 -13.78 -8.63
CA THR A 150 7.92 -14.91 -7.71
C THR A 150 6.66 -15.71 -7.80
N ASP A 151 6.79 -17.03 -7.81
CA ASP A 151 5.58 -17.85 -7.83
C ASP A 151 4.99 -17.95 -6.43
N ASP A 152 4.32 -16.89 -6.00
CA ASP A 152 3.55 -16.89 -4.75
C ASP A 152 2.43 -15.88 -4.96
N SER A 153 1.68 -15.57 -3.90
CA SER A 153 0.51 -14.69 -4.03
C SER A 153 0.83 -13.25 -4.47
N TYR A 154 1.82 -12.63 -3.82
CA TYR A 154 2.21 -11.26 -4.17
C TYR A 154 2.81 -11.23 -5.56
N GLY A 155 3.85 -12.03 -5.75
CA GLY A 155 4.57 -12.10 -7.01
C GLY A 155 3.62 -12.27 -8.16
N ASN A 156 2.85 -13.36 -8.16
CA ASN A 156 1.87 -13.64 -9.21
C ASN A 156 0.87 -12.51 -9.43
N GLY A 157 0.27 -12.01 -8.35
CA GLY A 157 -0.69 -10.90 -8.43
C GLY A 157 -0.17 -9.65 -9.15
N LEU A 158 1.01 -9.21 -8.74
CA LEU A 158 1.61 -8.02 -9.28
C LEU A 158 2.09 -8.27 -10.71
N ALA A 159 2.78 -9.37 -10.93
CA ALA A 159 3.21 -9.73 -12.26
C ALA A 159 2.04 -9.84 -13.24
N ASN A 160 0.98 -10.53 -12.82
N ASN A 160 0.97 -10.50 -12.85
CA ASN A 160 -0.20 -10.72 -13.66
CA ASN A 160 -0.15 -10.69 -13.78
C ASN A 160 -0.82 -9.40 -14.12
C ASN A 160 -0.90 -9.41 -14.14
N ALA A 161 -1.07 -8.51 -13.16
CA ALA A 161 -1.63 -7.19 -13.45
C ALA A 161 -0.75 -6.43 -14.45
N PHE A 162 0.56 -6.38 -14.19
CA PHE A 162 1.46 -5.67 -15.08
C PHE A 162 1.50 -6.23 -16.50
N GLU A 163 1.52 -7.55 -16.63
CA GLU A 163 1.46 -8.20 -17.93
C GLU A 163 0.23 -7.70 -18.71
N ASP A 164 -0.92 -7.66 -18.03
CA ASP A 164 -2.18 -7.26 -18.65
C ASP A 164 -2.17 -5.83 -19.13
N TYR A 165 -1.86 -4.91 -18.23
CA TYR A 165 -1.88 -3.50 -18.57
C TYR A 165 -0.76 -3.16 -19.54
N ALA A 166 0.34 -3.90 -19.48
CA ALA A 166 1.43 -3.65 -20.42
C ALA A 166 0.97 -3.95 -21.85
N ARG A 167 0.25 -5.05 -22.03
CA ARG A 167 -0.28 -5.39 -23.35
C ARG A 167 -1.33 -4.38 -23.76
N ALA A 168 -2.16 -3.98 -22.80
CA ALA A 168 -3.18 -2.95 -23.04
C ALA A 168 -2.56 -1.60 -23.45
N GLN A 169 -1.30 -1.35 -23.09
CA GLN A 169 -0.65 -0.08 -23.37
C GLN A 169 0.36 -0.18 -24.51
N GLY A 170 0.42 -1.32 -25.17
CA GLY A 170 1.29 -1.42 -26.33
C GLY A 170 2.66 -2.02 -26.05
N ILE A 171 2.92 -2.42 -24.81
CA ILE A 171 4.20 -3.03 -24.49
C ILE A 171 4.12 -4.54 -24.64
N THR A 172 5.11 -5.10 -25.33
CA THR A 172 5.23 -6.53 -25.49
C THR A 172 6.07 -7.13 -24.35
N ILE A 173 5.52 -8.10 -23.63
CA ILE A 173 6.36 -8.82 -22.72
C ILE A 173 7.13 -9.89 -23.51
N VAL A 174 8.42 -9.70 -23.71
CA VAL A 174 9.19 -10.65 -24.51
C VAL A 174 9.63 -11.86 -23.72
N ASP A 175 9.72 -11.70 -22.41
CA ASP A 175 10.10 -12.82 -21.56
C ASP A 175 9.64 -12.62 -20.13
N ARG A 176 9.23 -13.71 -19.49
CA ARG A 176 8.97 -13.69 -18.07
C ARG A 176 9.69 -14.90 -17.50
N PHE A 177 10.17 -14.77 -16.26
CA PHE A 177 10.96 -15.81 -15.64
C PHE A 177 10.90 -15.59 -14.14
N ASN A 178 11.10 -16.65 -13.37
CA ASN A 178 11.00 -16.51 -11.93
C ASN A 178 12.19 -17.11 -11.22
N TYR A 179 13.20 -17.49 -11.96
CA TYR A 179 14.33 -18.20 -11.39
C TYR A 179 15.57 -18.15 -12.28
N TYR A 180 16.72 -18.01 -11.64
CA TYR A 180 17.99 -18.25 -12.29
C TYR A 180 18.87 -18.83 -11.18
N GLY A 181 19.63 -19.86 -11.49
CA GLY A 181 20.38 -20.59 -10.47
C GLY A 181 21.71 -19.99 -10.03
N ASN A 182 22.30 -19.15 -10.87
CA ASN A 182 23.56 -18.48 -10.59
C ASN A 182 23.85 -17.44 -11.65
N LEU A 183 24.97 -16.73 -11.50
CA LEU A 183 25.34 -15.63 -12.41
C LEU A 183 25.52 -16.02 -13.87
N LYS A 184 25.85 -17.27 -14.17
CA LYS A 184 26.00 -17.62 -15.58
C LYS A 184 24.63 -17.89 -16.22
N ASP A 185 23.65 -18.28 -15.41
CA ASP A 185 22.29 -18.41 -15.91
C ASP A 185 21.76 -17.02 -16.26
N LEU A 186 22.09 -16.06 -15.40
CA LEU A 186 21.67 -14.68 -15.65
C LEU A 186 22.37 -14.08 -16.87
N GLU A 187 23.63 -14.48 -17.07
CA GLU A 187 24.39 -14.13 -18.27
C GLU A 187 23.77 -14.77 -19.54
N ARG A 188 23.22 -15.97 -19.41
CA ARG A 188 22.61 -16.62 -20.58
C ARG A 188 21.28 -15.94 -20.91
N LEU A 189 20.46 -15.74 -19.88
CA LEU A 189 19.20 -15.03 -20.01
C LEU A 189 19.38 -13.67 -20.68
N TYR A 190 20.32 -12.89 -20.17
CA TYR A 190 20.55 -11.54 -20.69
C TYR A 190 21.01 -11.54 -22.15
N ASP A 191 21.76 -12.55 -22.57
CA ASP A 191 22.12 -12.65 -24.00
C ASP A 191 20.85 -12.82 -24.83
N LYS A 192 19.96 -13.70 -24.38
CA LYS A 192 18.66 -13.92 -25.03
C LYS A 192 17.84 -12.63 -25.09
N TRP A 193 17.77 -11.91 -23.98
CA TRP A 193 17.04 -10.66 -23.90
C TRP A 193 17.57 -9.59 -24.86
N GLN A 194 18.89 -9.55 -25.02
CA GLN A 194 19.50 -8.58 -25.94
C GLN A 194 19.04 -8.85 -27.37
N ALA A 195 18.95 -10.14 -27.72
CA ALA A 195 18.44 -10.56 -29.02
C ALA A 195 16.95 -10.23 -29.21
N PHE A 196 16.19 -10.24 -28.12
CA PHE A 196 14.77 -9.88 -28.18
C PHE A 196 14.56 -8.38 -28.27
N GLY A 197 15.59 -7.61 -27.97
CA GLY A 197 15.49 -6.17 -27.97
C GLY A 197 14.82 -5.64 -26.72
N ASP A 199 14.03 -3.58 -23.48
CA ASP A 199 14.38 -2.21 -23.10
C ASP A 199 14.02 -1.84 -21.64
N GLY A 200 13.60 -2.84 -20.86
CA GLY A 200 13.27 -2.61 -19.47
C GLY A 200 12.95 -3.90 -18.73
N ILE A 201 13.12 -3.87 -17.40
CA ILE A 201 12.74 -4.99 -16.53
C ILE A 201 11.84 -4.59 -15.37
N PHE A 202 10.75 -5.33 -15.20
CA PHE A 202 9.85 -5.13 -14.09
C PHE A 202 10.09 -6.25 -13.09
N ILE A 203 10.43 -5.86 -11.87
CA ILE A 203 10.64 -6.81 -10.79
C ILE A 203 9.41 -6.90 -9.89
N ALA A 204 8.71 -8.00 -9.98
CA ALA A 204 7.57 -8.26 -9.13
C ALA A 204 7.99 -9.22 -8.01
N LYS A 205 9.16 -8.97 -7.46
CA LYS A 205 9.66 -9.68 -6.31
C LYS A 205 9.76 -8.63 -5.22
N THR A 206 9.43 -9.02 -4.01
CA THR A 206 9.60 -8.18 -2.85
C THR A 206 11.10 -7.84 -2.68
N ALA A 207 11.40 -6.64 -2.20
CA ALA A 207 12.79 -6.22 -2.03
C ALA A 207 13.61 -7.09 -1.07
N THR A 208 13.00 -7.46 0.06
CA THR A 208 13.69 -8.32 1.03
C THR A 208 13.67 -9.81 0.68
N GLY A 209 12.85 -10.18 -0.30
CA GLY A 209 12.71 -11.58 -0.68
C GLY A 209 13.20 -11.91 -2.08
N GLY A 210 14.42 -11.49 -2.41
CA GLY A 210 15.04 -11.81 -3.68
C GLY A 210 15.22 -10.62 -4.61
N GLY A 211 14.43 -9.57 -4.39
CA GLY A 211 14.53 -8.37 -5.21
C GLY A 211 15.93 -7.78 -5.20
N THR A 212 16.47 -7.53 -4.02
CA THR A 212 17.72 -6.76 -3.95
C THR A 212 18.93 -7.59 -4.38
N GLU A 213 18.90 -8.90 -4.10
CA GLU A 213 19.94 -9.78 -4.57
C GLU A 213 19.98 -9.78 -6.10
N PHE A 214 18.80 -9.65 -6.71
CA PHE A 214 18.73 -9.60 -8.16
C PHE A 214 19.26 -8.27 -8.69
N LEU A 215 18.98 -7.19 -7.98
CA LEU A 215 19.54 -5.88 -8.31
C LEU A 215 21.06 -5.97 -8.45
N VAL A 216 21.67 -6.51 -7.40
CA VAL A 216 23.11 -6.75 -7.36
C VAL A 216 23.63 -7.67 -8.48
N ASP A 217 22.95 -8.81 -8.68
CA ASP A 217 23.36 -9.77 -9.69
C ASP A 217 23.26 -9.14 -11.07
N ALA A 218 22.24 -8.33 -11.28
CA ALA A 218 21.99 -7.71 -12.57
C ALA A 218 23.01 -6.63 -12.93
N LYS A 219 23.50 -5.90 -11.93
CA LYS A 219 24.53 -4.93 -12.19
C LYS A 219 25.75 -5.72 -12.61
N SER A 220 26.13 -6.66 -11.74
CA SER A 220 27.31 -7.53 -11.92
C SER A 220 27.43 -8.24 -13.27
N VAL A 221 26.32 -8.39 -13.98
CA VAL A 221 26.33 -9.10 -15.25
C VAL A 221 26.44 -8.14 -16.42
N GLY A 222 25.94 -6.92 -16.23
CA GLY A 222 26.17 -5.87 -17.18
C GLY A 222 24.89 -5.31 -17.73
N ILE A 223 23.78 -5.67 -17.09
CA ILE A 223 22.45 -5.23 -17.55
C ILE A 223 22.27 -3.72 -17.36
N GLU A 224 21.84 -3.05 -18.43
CA GLU A 224 21.88 -1.60 -18.51
C GLU A 224 20.47 -0.99 -18.55
N VAL A 225 19.51 -1.73 -19.09
CA VAL A 225 18.12 -1.28 -19.20
C VAL A 225 17.53 -0.77 -17.86
N PRO A 226 16.57 0.17 -17.91
CA PRO A 226 15.88 0.63 -16.68
C PRO A 226 15.24 -0.51 -15.92
N LEU A 227 15.09 -0.34 -14.61
CA LEU A 227 14.48 -1.34 -13.74
C LEU A 227 13.31 -0.73 -13.00
N ILE A 228 12.25 -1.50 -12.87
CA ILE A 228 11.00 -1.03 -12.28
C ILE A 228 10.51 -1.99 -11.21
N ALA A 229 9.99 -1.46 -10.11
CA ALA A 229 9.52 -2.27 -9.00
C ALA A 229 8.26 -1.71 -8.37
N GLY A 230 7.71 -2.46 -7.43
CA GLY A 230 6.43 -2.11 -6.85
C GLY A 230 6.61 -1.57 -5.45
N ASN A 231 5.52 -1.59 -4.71
CA ASN A 231 5.42 -1.05 -3.37
C ASN A 231 6.55 -1.45 -2.40
N SER A 232 6.85 -2.74 -2.34
CA SER A 232 7.68 -3.26 -1.26
C SER A 232 9.09 -2.71 -1.26
N TRP A 233 9.36 -1.76 -2.15
CA TRP A 233 10.67 -1.12 -2.21
C TRP A 233 10.63 0.29 -1.65
N ASP A 234 9.49 0.71 -1.10
CA ASP A 234 9.45 2.03 -0.51
C ASP A 234 10.18 2.02 0.84
N ALA A 235 10.08 0.92 1.57
CA ALA A 235 10.80 0.79 2.84
C ALA A 235 12.32 0.85 2.67
N GLY A 246 24.14 -0.50 -1.73
CA GLY A 246 22.94 0.26 -1.43
C GLY A 246 22.68 1.31 -2.49
N THR A 248 23.55 1.10 -5.63
CA THR A 248 23.47 0.45 -6.93
C THR A 248 22.00 0.35 -7.41
N ALA A 249 21.09 0.88 -6.60
CA ALA A 249 19.69 0.99 -6.97
C ALA A 249 19.45 2.27 -7.74
N GLU A 250 20.53 2.94 -8.15
CA GLU A 250 20.43 4.19 -8.87
C GLU A 250 19.59 4.02 -10.11
N GLY A 251 18.58 4.85 -10.25
CA GLY A 251 17.73 4.83 -11.42
C GLY A 251 16.53 3.90 -11.32
N LEU A 252 16.38 3.26 -10.17
CA LEU A 252 15.30 2.31 -10.02
C LEU A 252 13.98 3.04 -9.85
N LEU A 253 13.02 2.73 -10.69
CA LEU A 253 11.73 3.38 -10.61
C LEU A 253 10.80 2.54 -9.75
N VAL A 254 10.23 3.16 -8.72
CA VAL A 254 9.34 2.50 -7.80
C VAL A 254 7.93 3.10 -7.82
N GLY A 255 6.94 2.24 -8.00
CA GLY A 255 5.56 2.66 -7.90
C GLY A 255 5.05 2.50 -6.50
N SER A 256 4.64 3.61 -5.91
CA SER A 256 4.21 3.63 -4.53
C SER A 256 3.13 4.64 -4.31
N PHE A 257 3.11 5.23 -3.14
CA PHE A 257 2.16 6.25 -2.81
C PHE A 257 2.71 7.20 -1.78
N PHE A 258 2.03 8.33 -1.64
CA PHE A 258 2.42 9.45 -0.81
C PHE A 258 3.58 10.28 -1.33
N ASN A 259 3.29 11.50 -1.70
CA ASN A 259 4.30 12.43 -2.10
C ASN A 259 4.46 13.52 -1.04
N PRO A 260 5.60 13.54 -0.39
CA PRO A 260 5.86 14.51 0.67
C PRO A 260 6.20 15.86 0.11
N GLN A 261 6.40 15.94 -1.20
CA GLN A 261 6.54 17.25 -1.85
C GLN A 261 5.29 17.71 -2.62
N ARG A 262 4.16 17.00 -2.45
CA ARG A 262 2.89 17.44 -3.05
C ARG A 262 2.58 18.88 -2.61
N PRO A 263 2.33 19.79 -3.58
CA PRO A 263 2.18 21.24 -3.33
C PRO A 263 1.12 21.65 -2.31
N ASP A 264 0.00 20.94 -2.23
CA ASP A 264 -1.11 21.34 -1.36
C ASP A 264 -0.74 21.59 0.11
N SER A 265 -1.45 22.52 0.74
CA SER A 265 -1.14 22.87 2.13
C SER A 265 -1.45 21.74 3.10
N ARG A 266 -2.32 20.82 2.69
CA ARG A 266 -2.70 19.70 3.56
C ARG A 266 -1.51 18.73 3.72
N THR A 267 -0.80 18.48 2.63
CA THR A 267 0.40 17.69 2.69
C THR A 267 1.55 18.41 3.42
N GLN A 268 1.83 19.66 3.05
CA GLN A 268 2.90 20.40 3.71
C GLN A 268 2.68 20.65 5.20
N ASP A 269 1.44 20.88 5.61
CA ASP A 269 1.14 21.02 7.04
C ASP A 269 1.51 19.73 7.75
N PHE A 270 1.05 18.61 7.17
CA PHE A 270 1.35 17.30 7.74
C PHE A 270 2.84 17.03 7.81
N VAL A 271 3.54 17.25 6.71
CA VAL A 271 4.98 17.00 6.67
C VAL A 271 5.72 17.85 7.67
N GLU A 272 5.27 19.08 7.84
CA GLU A 272 5.89 19.99 8.78
C GLU A 272 5.61 19.58 10.24
N ALA A 273 4.34 19.32 10.55
CA ALA A 273 3.91 18.87 11.89
C ALA A 273 4.66 17.62 12.29
N PHE A 274 4.80 16.70 11.33
CA PHE A 274 5.49 15.44 11.56
C PHE A 274 6.98 15.66 11.84
N ARG A 275 7.66 16.40 10.95
CA ARG A 275 9.05 16.79 11.18
C ARG A 275 9.27 17.35 12.59
N ARG A 276 8.50 18.35 12.97
CA ARG A 276 8.51 18.89 14.34
C ARG A 276 8.46 17.83 15.44
N GLU A 277 7.41 17.04 15.46
CA GLU A 277 7.25 16.10 16.56
C GLU A 277 8.27 14.94 16.58
N TYR A 278 8.68 14.47 15.42
CA TYR A 278 9.45 13.21 15.35
C TYR A 278 10.91 13.33 14.93
N GLY A 279 11.29 14.48 14.39
CA GLY A 279 12.67 14.72 14.02
C GLY A 279 13.13 13.98 12.77
N GLN A 280 12.18 13.53 11.96
CA GLN A 280 12.47 12.97 10.65
C GLN A 280 11.25 13.11 9.71
N PRO A 281 11.48 13.03 8.39
CA PRO A 281 10.34 13.06 7.47
C PRO A 281 9.43 11.82 7.58
N PRO A 282 8.14 11.98 7.28
CA PRO A 282 7.25 10.82 7.35
C PRO A 282 7.49 9.78 6.22
N THR A 283 7.18 8.53 6.53
CA THR A 283 7.15 7.47 5.55
C THR A 283 5.77 7.46 4.97
N SER A 284 5.61 6.79 3.85
CA SER A 284 4.28 6.57 3.29
C SER A 284 3.35 5.74 4.20
N TYR A 285 3.87 4.82 5.00
CA TYR A 285 3.00 4.13 5.95
C TYR A 285 2.52 5.10 7.05
N ALA A 286 3.40 5.98 7.50
CA ALA A 286 3.03 7.03 8.47
C ALA A 286 1.92 7.92 7.92
N ALA A 287 2.06 8.30 6.65
CA ALA A 287 1.05 9.09 5.96
C ALA A 287 -0.28 8.33 5.76
N ALA A 288 -0.18 7.06 5.38
CA ALA A 288 -1.36 6.21 5.24
C ALA A 288 -2.06 6.04 6.59
N GLY A 289 -1.25 5.88 7.63
CA GLY A 289 -1.78 5.80 8.97
C GLY A 289 -2.55 7.05 9.33
N TYR A 290 -1.88 8.20 9.21
CA TYR A 290 -2.51 9.51 9.40
C TYR A 290 -3.86 9.67 8.67
N ASP A 291 -3.88 9.49 7.35
CA ASP A 291 -5.12 9.61 6.59
C ASP A 291 -6.24 8.64 7.01
N ALA A 292 -5.91 7.39 7.33
CA ALA A 292 -6.92 6.43 7.76
C ALA A 292 -7.68 6.92 9.00
N VAL A 293 -6.95 7.40 9.99
CA VAL A 293 -7.60 7.92 11.17
C VAL A 293 -8.47 9.14 10.83
N ILE A 294 -7.94 10.09 10.07
CA ILE A 294 -8.73 11.28 9.75
C ILE A 294 -9.98 10.89 8.97
N LEU A 295 -9.81 10.06 7.95
CA LEU A 295 -10.90 9.50 7.14
C LEU A 295 -12.01 8.89 7.98
N LEU A 296 -11.63 7.99 8.88
CA LEU A 296 -12.59 7.34 9.77
C LEU A 296 -13.29 8.31 10.72
N ALA A 297 -12.51 9.19 11.34
CA ALA A 297 -13.09 10.21 12.22
C ALA A 297 -14.11 11.06 11.47
N GLU A 298 -13.76 11.47 10.25
CA GLU A 298 -14.62 12.34 9.46
C GLU A 298 -15.92 11.62 9.05
N ALA A 299 -15.83 10.36 8.67
CA ALA A 299 -17.03 9.57 8.40
C ALA A 299 -17.80 9.37 9.71
N LEU A 300 -17.08 9.14 10.80
CA LEU A 300 -17.71 8.95 12.10
C LEU A 300 -18.46 10.19 12.56
N GLU A 301 -17.94 11.39 12.27
CA GLU A 301 -18.62 12.62 12.67
C GLU A 301 -19.98 12.74 11.98
N LYS A 302 -20.22 11.96 10.94
CA LYS A 302 -21.46 12.06 10.15
C LYS A 302 -22.46 10.90 10.29
N SER A 303 -22.19 9.91 11.13
CA SER A 303 -23.09 8.74 11.20
C SER A 303 -23.74 8.46 12.57
N ASP A 304 -24.53 7.38 12.63
CA ASP A 304 -25.11 6.91 13.90
C ASP A 304 -24.20 5.88 14.53
N LEU A 305 -23.60 6.25 15.67
CA LEU A 305 -22.62 5.39 16.35
C LEU A 305 -23.33 4.28 17.10
N THR A 306 -24.64 4.45 17.27
CA THR A 306 -25.52 3.39 17.75
C THR A 306 -25.14 2.07 17.05
N HIS A 307 -25.31 2.05 15.72
CA HIS A 307 -25.08 0.84 14.93
C HIS A 307 -24.01 1.00 13.82
N PRO A 308 -22.77 0.55 14.10
CA PRO A 308 -21.60 0.80 13.26
C PRO A 308 -21.59 0.15 11.88
N ALA A 309 -22.72 -0.36 11.40
CA ALA A 309 -22.74 -0.89 10.04
C ALA A 309 -23.29 0.12 9.04
N THR A 310 -23.74 1.28 9.54
CA THR A 310 -24.08 2.42 8.68
C THR A 310 -22.80 3.15 8.29
N LEU A 311 -21.71 2.82 8.97
CA LEU A 311 -20.43 3.44 8.74
C LEU A 311 -19.93 3.13 7.32
N ALA A 312 -20.13 1.90 6.87
CA ALA A 312 -19.67 1.49 5.54
C ALA A 312 -20.26 2.38 4.45
N GLN A 313 -21.59 2.50 4.39
CA GLN A 313 -22.20 3.36 3.40
C GLN A 313 -21.72 4.81 3.57
N GLY A 314 -21.54 5.24 4.82
CA GLY A 314 -20.95 6.52 5.13
C GLY A 314 -19.66 6.79 4.36
N LEU A 315 -18.69 5.89 4.45
CA LEU A 315 -17.43 5.98 3.70
C LEU A 315 -17.55 6.13 2.16
N ARG A 316 -18.58 5.53 1.55
CA ARG A 316 -18.76 5.60 0.10
C ARG A 316 -19.43 6.88 -0.37
N ASP A 317 -19.88 7.70 0.58
CA ASP A 317 -20.49 8.99 0.27
C ASP A 317 -19.66 10.15 0.82
N LEU A 318 -18.62 9.78 1.57
CA LEU A 318 -17.70 10.73 2.19
C LEU A 318 -16.98 11.52 1.12
N GLY A 319 -16.44 10.79 0.16
CA GLY A 319 -15.58 11.35 -0.86
C GLY A 319 -16.25 12.31 -1.84
N PRO A 320 -15.41 13.08 -2.57
CA PRO A 320 -13.96 13.03 -2.38
C PRO A 320 -13.52 13.67 -1.07
N TRP A 321 -12.55 13.06 -0.38
CA TRP A 321 -11.98 13.65 0.82
C TRP A 321 -10.51 14.00 0.68
N GLU A 322 -10.15 15.27 0.78
CA GLU A 322 -8.73 15.63 0.70
C GLU A 322 -7.92 15.09 1.88
N GLY A 323 -6.93 14.28 1.57
CA GLY A 323 -6.08 13.71 2.59
C GLY A 323 -4.66 14.13 2.33
N VAL A 324 -3.78 13.71 3.22
CA VAL A 324 -2.38 14.03 3.13
C VAL A 324 -1.74 13.40 1.88
N GLY A 326 -3.50 12.92 -1.06
CA GLY A 326 -4.24 13.31 -2.24
C GLY A 326 -5.72 13.08 -1.97
N HIS A 328 -9.21 11.10 -1.69
CA HIS A 328 -9.68 9.74 -1.43
C HIS A 328 -11.15 9.54 -1.84
N ARG A 329 -11.43 8.42 -2.47
CA ARG A 329 -12.74 8.13 -2.99
C ARG A 329 -12.82 6.62 -3.06
N PHE A 330 -13.90 6.04 -2.55
CA PHE A 330 -14.05 4.60 -2.59
C PHE A 330 -15.05 4.13 -3.64
N ASP A 331 -14.74 3.04 -4.34
CA ASP A 331 -15.73 2.42 -5.24
C ASP A 331 -16.58 1.40 -4.48
N GLY A 332 -17.47 0.68 -5.18
CA GLY A 332 -18.33 -0.29 -4.52
C GLY A 332 -17.63 -1.55 -4.02
N ARG A 333 -16.44 -1.81 -4.56
CA ARG A 333 -15.67 -2.96 -4.11
C ARG A 333 -14.94 -2.59 -2.82
N GLY A 334 -14.76 -1.30 -2.60
CA GLY A 334 -14.06 -0.80 -1.43
C GLY A 334 -12.62 -0.39 -1.67
N ASP A 335 -12.18 -0.48 -2.94
CA ASP A 335 -10.86 0.03 -3.34
C ASP A 335 -10.80 1.55 -3.29
N ASP A 336 -9.62 2.08 -3.02
CA ASP A 336 -9.38 3.50 -3.17
C ASP A 336 -9.01 3.80 -4.62
N ILE A 337 -9.74 4.72 -5.23
CA ILE A 337 -9.63 4.94 -6.66
C ILE A 337 -9.42 6.41 -7.00
N GLY A 338 -8.96 7.20 -6.02
CA GLY A 338 -8.56 8.56 -6.28
C GLY A 338 -7.16 8.53 -6.87
N ASP A 339 -6.66 9.69 -7.26
CA ASP A 339 -5.32 9.80 -7.82
C ASP A 339 -4.27 9.78 -6.71
N LEU A 340 -3.68 8.63 -6.46
CA LEU A 340 -2.83 8.46 -5.27
C LEU A 340 -1.51 7.78 -5.54
N VAL A 341 -1.38 7.16 -6.70
CA VAL A 341 -0.15 6.50 -7.09
C VAL A 341 0.92 7.56 -7.31
N VAL A 342 2.06 7.38 -6.69
CA VAL A 342 3.18 8.29 -6.83
C VAL A 342 4.37 7.50 -7.32
N LEU A 343 4.90 7.87 -8.48
CA LEU A 343 6.08 7.22 -9.02
C LEU A 343 7.35 7.86 -8.48
N LYS A 344 8.28 7.02 -8.04
CA LYS A 344 9.49 7.47 -7.36
C LYS A 344 10.74 6.88 -8.00
N LYS A 345 11.69 7.73 -8.37
CA LYS A 345 12.99 7.27 -8.88
C LYS A 345 14.08 7.40 -7.80
N LYS A 347 17.71 8.32 -6.65
CA LYS A 347 18.78 9.19 -7.10
C LYS A 347 19.64 9.60 -5.90
N ASP A 348 20.91 9.20 -5.92
CA ASP A 348 21.83 9.44 -4.81
C ASP A 348 21.23 9.12 -3.45
N GLY A 349 20.90 7.86 -3.22
CA GLY A 349 20.42 7.47 -1.90
C GLY A 349 18.97 7.82 -1.57
N ARG A 350 18.45 8.92 -2.10
CA ARG A 350 17.06 9.29 -1.80
C ARG A 350 16.08 9.25 -3.01
N PHE A 351 14.79 9.45 -2.73
CA PHE A 351 13.76 9.37 -3.76
C PHE A 351 13.47 10.69 -4.41
N GLU A 352 13.47 10.69 -5.73
CA GLU A 352 12.96 11.79 -6.53
C GLU A 352 11.51 11.45 -6.91
N TYR A 353 10.67 12.47 -7.07
CA TYR A 353 9.26 12.24 -7.35
C TYR A 353 8.84 12.74 -8.74
N LEU A 354 8.18 11.90 -9.55
CA LEU A 354 7.72 12.31 -10.87
C LEU A 354 6.20 12.47 -10.93
#